data_4CGB
#
_entry.id   4CGB
#
_cell.length_a   47.871
_cell.length_b   51.135
_cell.length_c   101.691
_cell.angle_alpha   90.00
_cell.angle_beta   90.00
_cell.angle_gamma   90.00
#
_symmetry.space_group_name_H-M   'P 21 21 21'
#
loop_
_entity.id
_entity.type
_entity.pdbx_description
1 polymer 'ECHINODERM MICROTUBULE-ASSOCIATED PROTEIN-LIKE 2'
2 non-polymer 'POTASSIUM ION'
3 non-polymer GLYCEROL
4 water water
#
_entity_poly.entity_id   1
_entity_poly.type   'polypeptide(L)'
_entity_poly.pdbx_seq_one_letter_code
;GSGMEVDDRVSALEQRLQLQEDELAVLKAALADALRRLRACEEQGAALRAR
;
_entity_poly.pdbx_strand_id   A,B,C,D,E,F
#
loop_
_chem_comp.id
_chem_comp.type
_chem_comp.name
_chem_comp.formula
GOL non-polymer GLYCEROL 'C3 H8 O3'
K non-polymer 'POTASSIUM ION' 'K 1'
#
# COMPACT_ATOMS: atom_id res chain seq x y z
N GLU A 5 4.96 -9.08 -33.27
CA GLU A 5 4.17 -7.94 -32.78
C GLU A 5 3.61 -8.24 -31.40
N VAL A 6 3.01 -9.41 -31.24
CA VAL A 6 2.60 -9.85 -29.90
C VAL A 6 3.84 -10.35 -29.16
N ASP A 7 4.86 -10.77 -29.91
CA ASP A 7 6.09 -11.17 -29.26
CA ASP A 7 6.15 -11.15 -29.36
C ASP A 7 6.84 -9.98 -28.69
N ASP A 8 6.62 -8.79 -29.25
CA ASP A 8 7.27 -7.58 -28.74
C ASP A 8 6.62 -7.15 -27.43
N ARG A 9 5.32 -7.39 -27.31
CA ARG A 9 4.60 -7.09 -26.08
C ARG A 9 5.03 -8.05 -24.97
N VAL A 10 5.16 -9.33 -25.32
CA VAL A 10 5.59 -10.36 -24.38
C VAL A 10 7.01 -10.11 -23.86
N SER A 11 7.92 -9.82 -24.79
CA SER A 11 9.30 -9.49 -24.40
C SER A 11 9.33 -8.29 -23.45
N ALA A 12 8.54 -7.27 -23.77
CA ALA A 12 8.45 -6.07 -22.94
C ALA A 12 7.90 -6.37 -21.55
N LEU A 13 6.97 -7.32 -21.47
CA LEU A 13 6.41 -7.74 -20.19
C LEU A 13 7.42 -8.50 -19.34
N GLU A 14 8.25 -9.32 -19.99
CA GLU A 14 9.28 -10.09 -19.29
C GLU A 14 10.31 -9.14 -18.67
N GLN A 15 10.67 -8.10 -19.40
CA GLN A 15 11.64 -7.10 -18.94
C GLN A 15 11.09 -6.26 -17.79
N ARG A 16 9.78 -6.03 -17.81
CA ARG A 16 9.12 -5.28 -16.76
C ARG A 16 8.95 -6.11 -15.49
N LEU A 17 8.60 -7.38 -15.66
CA LEU A 17 8.42 -8.27 -14.52
C LEU A 17 9.70 -8.42 -13.71
N GLN A 18 10.84 -8.53 -14.40
CA GLN A 18 12.13 -8.64 -13.70
C GLN A 18 12.52 -7.37 -12.96
N LEU A 19 12.23 -6.20 -13.52
CA LEU A 19 12.47 -4.94 -12.80
C LEU A 19 11.59 -4.83 -11.55
N GLN A 20 10.36 -5.30 -11.65
CA GLN A 20 9.47 -5.33 -10.48
C GLN A 20 9.97 -6.32 -9.42
N GLU A 21 10.48 -7.47 -9.87
CA GLU A 21 11.13 -8.43 -8.98
C GLU A 21 12.22 -7.75 -8.17
N ASP A 22 12.99 -6.91 -8.84
CA ASP A 22 14.14 -6.28 -8.19
C ASP A 22 13.70 -5.23 -7.17
N GLU A 23 12.66 -4.46 -7.52
CA GLU A 23 12.03 -3.53 -6.60
C GLU A 23 11.55 -4.25 -5.35
N LEU A 24 10.82 -5.34 -5.52
CA LEU A 24 10.28 -6.09 -4.39
C LEU A 24 11.40 -6.63 -3.49
N ALA A 25 12.51 -7.03 -4.12
CA ALA A 25 13.66 -7.53 -3.38
C ALA A 25 14.26 -6.49 -2.43
N VAL A 26 14.37 -5.25 -2.89
CA VAL A 26 14.88 -4.16 -2.07
C VAL A 26 13.93 -3.90 -0.91
N LEU A 27 12.63 -3.84 -1.23
CA LEU A 27 11.60 -3.66 -0.22
C LEU A 27 11.63 -4.75 0.84
N LYS A 28 11.70 -6.02 0.39
CA LYS A 28 11.73 -7.15 1.31
CA LYS A 28 11.72 -7.15 1.33
C LYS A 28 12.94 -7.16 2.23
N ALA A 29 14.09 -6.76 1.69
CA ALA A 29 15.32 -6.78 2.45
C ALA A 29 15.34 -5.68 3.52
N ALA A 30 14.91 -4.48 3.14
CA ALA A 30 14.88 -3.36 4.06
C ALA A 30 13.84 -3.61 5.16
N LEU A 31 12.71 -4.19 4.78
CA LEU A 31 11.68 -4.58 5.74
C LEU A 31 12.17 -5.64 6.73
N ALA A 32 12.93 -6.62 6.25
CA ALA A 32 13.53 -7.62 7.15
C ALA A 32 14.38 -6.97 8.25
N ASP A 33 15.20 -5.99 7.88
CA ASP A 33 16.06 -5.31 8.83
C ASP A 33 15.25 -4.46 9.80
N ALA A 34 14.25 -3.77 9.27
CA ALA A 34 13.38 -2.92 10.08
C ALA A 34 12.69 -3.75 11.18
N LEU A 35 12.14 -4.90 10.81
CA LEU A 35 11.49 -5.79 11.77
C LEU A 35 12.45 -6.30 12.86
N ARG A 36 13.67 -6.67 12.44
CA ARG A 36 14.71 -7.06 13.39
C ARG A 36 14.94 -5.94 14.41
N ARG A 37 15.15 -4.72 13.91
CA ARG A 37 15.35 -3.56 14.77
C ARG A 37 14.08 -3.17 15.56
N LEU A 38 12.92 -3.51 15.02
CA LEU A 38 11.64 -3.24 15.70
C LEU A 38 11.49 -4.13 16.93
N ARG A 39 11.70 -5.43 16.74
CA ARG A 39 11.72 -6.39 17.85
C ARG A 39 12.68 -5.96 18.94
N ALA A 40 13.88 -5.54 18.56
CA ALA A 40 14.88 -5.13 19.53
C ALA A 40 14.39 -3.98 20.39
N CYS A 41 13.70 -3.02 19.78
CA CYS A 41 13.18 -1.87 20.51
C CYS A 41 12.05 -2.28 21.45
N GLU A 42 11.23 -3.23 21.00
CA GLU A 42 10.15 -3.73 21.83
C GLU A 42 10.72 -4.47 23.04
N GLU A 43 11.73 -5.30 22.79
CA GLU A 43 12.32 -6.12 23.84
C GLU A 43 13.14 -5.31 24.86
N GLN A 44 13.69 -4.18 24.43
CA GLN A 44 14.42 -3.29 25.36
C GLN A 44 13.47 -2.25 25.94
N GLY A 45 12.18 -2.58 25.94
CA GLY A 45 11.16 -1.74 26.52
C GLY A 45 10.23 -2.60 27.35
N ALA A 46 10.34 -3.92 27.15
CA ALA A 46 9.62 -4.90 27.95
C ALA A 46 10.47 -5.26 29.16
N ALA A 47 11.78 -5.16 28.98
CA ALA A 47 12.73 -5.37 30.07
C ALA A 47 12.87 -4.08 30.90
N LEU A 48 12.47 -2.96 30.33
CA LEU A 48 12.53 -1.67 31.02
C LEU A 48 11.20 -1.34 31.72
N GLU B 5 -7.96 -16.01 -26.71
CA GLU B 5 -7.09 -15.22 -27.59
C GLU B 5 -5.80 -14.82 -26.88
N VAL B 6 -4.68 -14.95 -27.58
CA VAL B 6 -3.38 -14.60 -27.02
C VAL B 6 -3.28 -13.10 -26.71
N ASP B 7 -3.92 -12.28 -27.53
CA ASP B 7 -3.86 -10.83 -27.35
C ASP B 7 -4.62 -10.44 -26.08
N ASP B 8 -5.73 -11.14 -25.83
CA ASP B 8 -6.49 -10.96 -24.59
C ASP B 8 -5.69 -11.34 -23.33
N ARG B 9 -4.85 -12.37 -23.43
CA ARG B 9 -4.05 -12.81 -22.29
C ARG B 9 -2.91 -11.84 -21.99
N VAL B 10 -2.29 -11.34 -23.04
CA VAL B 10 -1.20 -10.37 -22.90
C VAL B 10 -1.77 -9.06 -22.34
N SER B 11 -2.97 -8.70 -22.79
CA SER B 11 -3.66 -7.53 -22.27
C SER B 11 -3.96 -7.69 -20.78
N ALA B 12 -4.45 -8.88 -20.41
CA ALA B 12 -4.74 -9.18 -19.01
C ALA B 12 -3.45 -9.17 -18.17
N LEU B 13 -2.35 -9.60 -18.75
CA LEU B 13 -1.05 -9.53 -18.10
C LEU B 13 -0.60 -8.09 -17.85
N GLU B 14 -0.77 -7.25 -18.87
CA GLU B 14 -0.37 -5.85 -18.79
C GLU B 14 -1.16 -5.11 -17.71
N GLN B 15 -2.42 -5.48 -17.54
CA GLN B 15 -3.25 -4.90 -16.49
C GLN B 15 -2.75 -5.31 -15.11
N ARG B 16 -2.51 -6.61 -14.92
CA ARG B 16 -1.96 -7.10 -13.67
C ARG B 16 -0.59 -6.51 -13.34
N LEU B 17 0.20 -6.23 -14.37
CA LEU B 17 1.51 -5.66 -14.15
C LEU B 17 1.42 -4.19 -13.74
N GLN B 18 0.49 -3.47 -14.33
CA GLN B 18 0.24 -2.07 -13.94
C GLN B 18 -0.19 -1.98 -12.48
N LEU B 19 -1.05 -2.90 -12.05
CA LEU B 19 -1.52 -2.88 -10.66
C LEU B 19 -0.40 -3.22 -9.69
N GLN B 20 0.48 -4.12 -10.10
CA GLN B 20 1.66 -4.46 -9.31
C GLN B 20 2.55 -3.25 -9.16
N GLU B 21 2.66 -2.47 -10.24
CA GLU B 21 3.48 -1.26 -10.26
C GLU B 21 2.95 -0.22 -9.27
N ASP B 22 1.64 -0.06 -9.26
CA ASP B 22 0.99 0.84 -8.32
C ASP B 22 1.28 0.42 -6.88
N GLU B 23 1.09 -0.86 -6.60
CA GLU B 23 1.31 -1.41 -5.26
C GLU B 23 2.75 -1.22 -4.80
N LEU B 24 3.71 -1.47 -5.71
CA LEU B 24 5.10 -1.30 -5.35
C LEU B 24 5.44 0.16 -5.03
N ALA B 25 4.92 1.09 -5.83
CA ALA B 25 5.15 2.49 -5.57
C ALA B 25 4.68 2.88 -4.17
N VAL B 26 3.48 2.40 -3.82
CA VAL B 26 2.86 2.73 -2.54
C VAL B 26 3.60 2.10 -1.36
N LEU B 27 3.98 0.83 -1.51
CA LEU B 27 4.70 0.09 -0.47
C LEU B 27 6.09 0.66 -0.21
N LYS B 28 6.75 1.10 -1.28
CA LYS B 28 8.05 1.77 -1.19
C LYS B 28 7.99 3.09 -0.43
N ALA B 29 6.99 3.92 -0.72
CA ALA B 29 6.79 5.15 0.04
C ALA B 29 6.42 4.85 1.49
N ALA B 30 5.64 3.79 1.70
CA ALA B 30 5.23 3.40 3.05
C ALA B 30 6.40 2.85 3.86
N LEU B 31 7.30 2.14 3.20
CA LEU B 31 8.50 1.63 3.86
C LEU B 31 9.41 2.77 4.30
N ALA B 32 9.62 3.72 3.39
CA ALA B 32 10.38 4.92 3.71
C ALA B 32 9.84 5.61 4.97
N ASP B 33 8.52 5.76 5.05
CA ASP B 33 7.92 6.32 6.26
C ASP B 33 8.17 5.44 7.48
N ALA B 34 8.10 4.12 7.31
CA ALA B 34 8.32 3.21 8.43
C ALA B 34 9.74 3.32 8.97
N LEU B 35 10.72 3.47 8.08
CA LEU B 35 12.13 3.58 8.48
C LEU B 35 12.44 4.87 9.23
N ARG B 36 11.80 5.96 8.80
CA ARG B 36 11.89 7.24 9.48
C ARG B 36 11.44 7.13 10.92
N ARG B 37 10.27 6.52 11.09
CA ARG B 37 9.65 6.36 12.40
C ARG B 37 10.48 5.43 13.28
N LEU B 38 11.04 4.41 12.65
CA LEU B 38 11.93 3.48 13.34
C LEU B 38 13.20 4.19 13.84
N ARG B 39 13.83 4.99 12.97
CA ARG B 39 15.04 5.71 13.34
C ARG B 39 14.77 6.66 14.49
N ALA B 40 13.60 7.30 14.44
CA ALA B 40 13.20 8.23 15.48
C ALA B 40 13.09 7.54 16.84
N CYS B 41 12.47 6.37 16.86
CA CYS B 41 12.32 5.61 18.10
CA CYS B 41 12.34 5.61 18.11
C CYS B 41 13.66 5.09 18.63
N GLU B 42 14.56 4.67 17.72
CA GLU B 42 15.88 4.22 18.13
C GLU B 42 16.67 5.36 18.76
N GLU B 43 16.65 6.53 18.12
CA GLU B 43 17.29 7.72 18.65
C GLU B 43 16.70 8.15 19.99
N GLN B 44 15.40 7.94 20.16
CA GLN B 44 14.77 8.25 21.44
C GLN B 44 15.25 7.26 22.50
N GLY B 45 15.37 6.00 22.10
CA GLY B 45 15.81 4.95 22.99
C GLY B 45 17.24 5.12 23.48
N ALA B 46 18.14 5.46 22.57
CA ALA B 46 19.54 5.68 22.93
C ALA B 46 19.70 6.92 23.80
N ALA B 47 18.88 7.93 23.55
CA ALA B 47 18.94 9.16 24.33
C ALA B 47 18.46 8.92 25.75
N LEU B 48 17.37 8.16 25.88
CA LEU B 48 16.84 7.80 27.19
C LEU B 48 17.85 7.02 28.04
N ARG B 49 18.59 6.11 27.41
CA ARG B 49 19.65 5.37 28.08
C ARG B 49 20.66 6.29 28.74
N MET C 4 3.07 -20.48 -31.75
CA MET C 4 2.48 -21.13 -30.59
C MET C 4 3.49 -21.28 -29.45
N GLU C 5 4.78 -21.13 -29.75
CA GLU C 5 5.81 -21.09 -28.72
C GLU C 5 5.55 -19.90 -27.81
N VAL C 6 4.99 -18.84 -28.40
CA VAL C 6 4.62 -17.64 -27.68
C VAL C 6 3.69 -17.94 -26.52
N ASP C 7 2.87 -18.97 -26.67
CA ASP C 7 1.90 -19.35 -25.65
C ASP C 7 2.58 -19.80 -24.35
N ASP C 8 3.71 -20.48 -24.47
CA ASP C 8 4.45 -20.93 -23.30
C ASP C 8 5.05 -19.76 -22.52
N ARG C 9 5.50 -18.74 -23.25
CA ARG C 9 6.06 -17.54 -22.62
C ARG C 9 4.97 -16.72 -21.92
N VAL C 10 3.76 -16.71 -22.46
CA VAL C 10 2.66 -16.03 -21.77
C VAL C 10 2.29 -16.82 -20.51
N SER C 11 2.20 -18.14 -20.65
CA SER C 11 1.94 -19.01 -19.52
C SER C 11 2.97 -18.84 -18.40
N ALA C 12 4.25 -18.78 -18.77
CA ALA C 12 5.34 -18.63 -17.80
C ALA C 12 5.25 -17.29 -17.06
N LEU C 13 4.92 -16.25 -17.80
CA LEU C 13 4.74 -14.91 -17.23
C LEU C 13 3.57 -14.88 -16.24
N GLU C 14 2.48 -15.55 -16.59
CA GLU C 14 1.31 -15.63 -15.71
C GLU C 14 1.67 -16.29 -14.37
N GLN C 15 2.42 -17.38 -14.43
CA GLN C 15 2.83 -18.12 -13.22
C GLN C 15 3.80 -17.33 -12.34
N ARG C 16 4.80 -16.71 -12.94
CA ARG C 16 5.80 -15.97 -12.19
C ARG C 16 5.17 -14.71 -11.61
N LEU C 17 4.23 -14.11 -12.35
CA LEU C 17 3.55 -12.92 -11.86
C LEU C 17 2.70 -13.27 -10.64
N GLN C 18 2.09 -14.46 -10.64
CA GLN C 18 1.27 -14.88 -9.49
C GLN C 18 2.13 -15.00 -8.24
N LEU C 19 3.34 -15.52 -8.38
CA LEU C 19 4.26 -15.65 -7.25
C LEU C 19 4.66 -14.27 -6.72
N GLN C 20 4.77 -13.30 -7.62
CA GLN C 20 5.13 -11.92 -7.25
C GLN C 20 3.96 -11.25 -6.53
N GLU C 21 2.76 -11.46 -7.06
CA GLU C 21 1.54 -10.97 -6.40
C GLU C 21 1.38 -11.54 -5.00
N ASP C 22 1.67 -12.83 -4.83
CA ASP C 22 1.57 -13.46 -3.51
C ASP C 22 2.63 -12.89 -2.58
N GLU C 23 3.83 -12.69 -3.10
CA GLU C 23 4.93 -12.12 -2.31
C GLU C 23 4.62 -10.69 -1.88
N LEU C 24 4.00 -9.92 -2.76
CA LEU C 24 3.63 -8.54 -2.44
C LEU C 24 2.59 -8.50 -1.32
N ALA C 25 1.58 -9.37 -1.40
CA ALA C 25 0.53 -9.44 -0.39
C ALA C 25 1.10 -9.75 0.99
N VAL C 26 2.10 -10.63 1.01
CA VAL C 26 2.79 -10.99 2.23
C VAL C 26 3.55 -9.79 2.82
N LEU C 27 4.31 -9.09 1.98
CA LEU C 27 5.03 -7.88 2.40
C LEU C 27 4.10 -6.81 2.93
N LYS C 28 2.97 -6.63 2.24
CA LYS C 28 2.03 -5.59 2.62
C LYS C 28 1.51 -5.79 4.04
N ALA C 29 1.11 -7.01 4.34
CA ALA C 29 0.64 -7.35 5.68
C ALA C 29 1.75 -7.21 6.74
N ALA C 30 2.97 -7.61 6.40
CA ALA C 30 4.08 -7.49 7.35
C ALA C 30 4.39 -6.03 7.61
N LEU C 31 4.30 -5.22 6.56
CA LEU C 31 4.59 -3.79 6.65
C LEU C 31 3.52 -3.03 7.42
N ALA C 32 2.25 -3.37 7.16
CA ALA C 32 1.15 -2.71 7.85
C ALA C 32 1.22 -3.05 9.33
N ASP C 33 1.62 -4.27 9.63
CA ASP C 33 1.85 -4.67 11.03
C ASP C 33 3.00 -3.91 11.67
N ALA C 34 4.10 -3.71 10.92
CA ALA C 34 5.24 -2.95 11.46
C ALA C 34 4.84 -1.51 11.74
N LEU C 35 4.08 -0.93 10.83
CA LEU C 35 3.62 0.44 10.98
C LEU C 35 2.74 0.60 12.21
N ARG C 36 1.93 -0.41 12.51
CA ARG C 36 1.06 -0.34 13.68
C ARG C 36 1.88 -0.45 14.96
N ARG C 37 2.82 -1.38 14.96
CA ARG C 37 3.75 -1.50 16.08
C ARG C 37 4.60 -0.24 16.25
N LEU C 38 5.06 0.36 15.16
CA LEU C 38 5.84 1.59 15.24
C LEU C 38 5.01 2.76 15.75
N ARG C 39 3.76 2.87 15.28
CA ARG C 39 2.83 3.90 15.72
C ARG C 39 2.42 3.71 17.17
N ALA C 40 2.60 2.50 17.68
CA ALA C 40 2.31 2.17 19.08
C ALA C 40 3.58 2.20 19.92
N CYS C 41 4.69 2.57 19.30
CA CYS C 41 5.93 2.83 20.01
C CYS C 41 6.16 4.32 20.03
N GLU C 42 5.69 5.01 18.99
CA GLU C 42 5.71 6.47 19.03
C GLU C 42 4.91 6.98 20.17
N GLU C 43 3.65 6.56 20.25
CA GLU C 43 2.80 6.95 21.36
C GLU C 43 3.28 6.36 22.68
N GLN C 44 4.21 5.41 22.60
CA GLN C 44 4.81 4.81 23.79
C GLN C 44 6.26 5.25 23.97
N MET D 4 -32.83 -13.98 10.83
CA MET D 4 -33.73 -12.94 11.32
C MET D 4 -33.23 -11.54 10.95
N GLU D 5 -33.60 -10.55 11.77
CA GLU D 5 -33.41 -9.14 11.46
C GLU D 5 -31.97 -8.71 11.17
N VAL D 6 -31.02 -9.34 11.84
CA VAL D 6 -29.62 -8.93 11.71
C VAL D 6 -29.03 -9.19 10.31
N ASP D 7 -29.69 -10.05 9.53
CA ASP D 7 -29.26 -10.31 8.15
C ASP D 7 -29.25 -9.04 7.30
N ASP D 8 -30.18 -8.11 7.57
CA ASP D 8 -30.24 -6.85 6.83
C ASP D 8 -29.06 -5.94 7.15
N ARG D 9 -28.68 -5.88 8.42
CA ARG D 9 -27.55 -5.05 8.83
C ARG D 9 -26.26 -5.60 8.25
N VAL D 10 -26.21 -6.92 8.13
CA VAL D 10 -25.08 -7.60 7.48
C VAL D 10 -25.01 -7.25 5.99
N SER D 11 -26.13 -7.38 5.28
CA SER D 11 -26.19 -7.01 3.87
C SER D 11 -25.75 -5.56 3.66
N ALA D 12 -26.23 -4.68 4.52
CA ALA D 12 -25.93 -3.26 4.42
C ALA D 12 -24.43 -3.03 4.62
N LEU D 13 -23.87 -3.70 5.63
CA LEU D 13 -22.44 -3.71 5.85
C LEU D 13 -21.68 -4.23 4.64
N GLU D 14 -22.17 -5.30 4.03
CA GLU D 14 -21.55 -5.85 2.83
C GLU D 14 -21.50 -4.81 1.72
N GLN D 15 -22.62 -4.11 1.52
CA GLN D 15 -22.69 -3.07 0.49
C GLN D 15 -21.78 -1.90 0.80
N ARG D 16 -21.83 -1.40 2.03
CA ARG D 16 -21.01 -0.26 2.42
C ARG D 16 -19.52 -0.60 2.35
N LEU D 17 -19.16 -1.83 2.74
CA LEU D 17 -17.76 -2.25 2.66
C LEU D 17 -17.26 -2.29 1.22
N GLN D 18 -18.12 -2.76 0.31
CA GLN D 18 -17.75 -2.83 -1.10
C GLN D 18 -17.43 -1.44 -1.64
N LEU D 19 -18.25 -0.46 -1.25
CA LEU D 19 -18.07 0.92 -1.69
C LEU D 19 -16.77 1.52 -1.18
N GLN D 20 -16.39 1.18 0.05
CA GLN D 20 -15.16 1.65 0.65
CA GLN D 20 -15.18 1.64 0.65
C GLN D 20 -13.95 1.00 -0.03
N GLU D 21 -14.08 -0.30 -0.31
CA GLU D 21 -13.03 -1.01 -1.04
C GLU D 21 -12.82 -0.37 -2.40
N ASP D 22 -13.92 -0.10 -3.09
CA ASP D 22 -13.89 0.61 -4.37
C ASP D 22 -13.18 1.96 -4.22
N GLU D 23 -13.53 2.72 -3.18
CA GLU D 23 -12.94 4.04 -2.98
C GLU D 23 -11.45 3.95 -2.64
N LEU D 24 -11.09 2.94 -1.87
CA LEU D 24 -9.71 2.74 -1.50
C LEU D 24 -8.86 2.41 -2.74
N ALA D 25 -9.38 1.56 -3.63
CA ALA D 25 -8.67 1.22 -4.86
C ALA D 25 -8.44 2.46 -5.72
N VAL D 26 -9.44 3.33 -5.77
CA VAL D 26 -9.36 4.56 -6.52
C VAL D 26 -8.32 5.49 -5.90
N LEU D 27 -8.26 5.49 -4.58
CA LEU D 27 -7.25 6.28 -3.86
C LEU D 27 -5.84 5.80 -4.12
N LYS D 28 -5.65 4.49 -4.07
CA LYS D 28 -4.34 3.90 -4.26
C LYS D 28 -3.78 4.16 -5.66
N ALA D 29 -4.63 4.12 -6.69
CA ALA D 29 -4.18 4.40 -8.06
C ALA D 29 -3.75 5.86 -8.19
N ALA D 30 -4.54 6.76 -7.59
CA ALA D 30 -4.27 8.18 -7.61
C ALA D 30 -2.98 8.54 -6.85
N LEU D 31 -2.77 7.89 -5.71
CA LEU D 31 -1.55 8.10 -4.93
C LEU D 31 -0.33 7.55 -5.66
N ALA D 32 -0.45 6.37 -6.25
CA ALA D 32 0.64 5.76 -7.03
C ALA D 32 1.10 6.70 -8.14
N ASP D 33 0.13 7.24 -8.89
CA ASP D 33 0.40 8.21 -9.95
C ASP D 33 1.08 9.49 -9.43
N ALA D 34 0.65 9.98 -8.28
CA ALA D 34 1.25 11.18 -7.70
C ALA D 34 2.68 10.89 -7.25
N LEU D 35 2.88 9.70 -6.71
CA LEU D 35 4.22 9.24 -6.30
C LEU D 35 5.17 9.12 -7.49
N ARG D 36 4.67 8.57 -8.60
CA ARG D 36 5.48 8.43 -9.82
C ARG D 36 5.84 9.81 -10.38
N ARG D 37 4.88 10.72 -10.35
CA ARG D 37 5.12 12.08 -10.82
C ARG D 37 6.05 12.88 -9.90
N LEU D 38 5.92 12.69 -8.59
CA LEU D 38 6.80 13.37 -7.63
C LEU D 38 8.24 12.95 -7.85
N ARG D 39 8.48 11.64 -7.93
CA ARG D 39 9.81 11.09 -8.18
C ARG D 39 10.42 11.62 -9.48
N ALA D 40 9.61 11.65 -10.53
CA ALA D 40 10.04 12.18 -11.82
C ALA D 40 10.36 13.66 -11.72
N CYS D 41 9.49 14.40 -11.04
CA CYS D 41 9.70 15.82 -10.81
C CYS D 41 11.00 16.13 -10.06
N GLU D 42 11.36 15.26 -9.12
CA GLU D 42 12.56 15.46 -8.31
C GLU D 42 13.81 15.17 -9.12
N GLU D 43 13.74 14.14 -9.95
CA GLU D 43 14.88 13.74 -10.76
C GLU D 43 15.07 14.68 -11.95
N GLN D 44 14.06 15.52 -12.20
CA GLN D 44 14.18 16.61 -13.17
C GLN D 44 14.81 17.84 -12.52
N GLY D 45 14.48 18.10 -11.26
CA GLY D 45 15.12 19.17 -10.52
C GLY D 45 16.58 18.84 -10.29
N ALA D 46 16.87 17.54 -10.24
CA ALA D 46 18.22 17.03 -10.05
C ALA D 46 19.07 17.17 -11.31
N ALA D 47 18.45 17.64 -12.38
CA ALA D 47 19.18 18.04 -13.58
C ALA D 47 19.50 19.52 -13.50
N LEU D 48 20.08 19.91 -12.38
CA LEU D 48 20.59 21.27 -12.18
C LEU D 48 21.91 21.20 -11.42
N GLU E 5 -25.77 -12.01 20.46
CA GLU E 5 -24.33 -12.14 20.56
C GLU E 5 -23.67 -11.92 19.19
N VAL E 6 -24.36 -12.34 18.15
CA VAL E 6 -23.96 -12.03 16.79
C VAL E 6 -24.24 -10.55 16.51
N ASP E 7 -25.22 -10.01 17.22
CA ASP E 7 -25.53 -8.58 17.16
C ASP E 7 -24.35 -7.77 17.66
N ASP E 8 -23.60 -8.34 18.59
CA ASP E 8 -22.38 -7.71 19.10
C ASP E 8 -21.30 -7.66 18.02
N ARG E 9 -21.14 -8.76 17.29
CA ARG E 9 -20.16 -8.80 16.21
C ARG E 9 -20.54 -7.86 15.08
N VAL E 10 -21.84 -7.82 14.74
CA VAL E 10 -22.31 -6.92 13.70
C VAL E 10 -22.09 -5.46 14.10
N SER E 11 -22.49 -5.12 15.31
CA SER E 11 -22.32 -3.77 15.83
C SER E 11 -20.85 -3.34 15.82
N ALA E 12 -19.97 -4.23 16.26
CA ALA E 12 -18.53 -3.92 16.26
C ALA E 12 -18.01 -3.65 14.84
N LEU E 13 -18.52 -4.38 13.86
CA LEU E 13 -18.18 -4.17 12.45
C LEU E 13 -18.65 -2.82 11.94
N GLU E 14 -19.88 -2.45 12.29
CA GLU E 14 -20.45 -1.16 11.92
C GLU E 14 -19.58 -0.04 12.47
N GLN E 15 -19.12 -0.20 13.72
CA GLN E 15 -18.26 0.79 14.34
C GLN E 15 -16.91 0.86 13.64
N ARG E 16 -16.30 -0.29 13.39
CA ARG E 16 -14.99 -0.34 12.75
C ARG E 16 -15.02 0.23 11.35
N LEU E 17 -16.02 -0.16 10.57
CA LEU E 17 -16.22 0.39 9.23
C LEU E 17 -16.31 1.90 9.24
N GLN E 18 -17.10 2.45 10.17
CA GLN E 18 -17.23 3.90 10.25
C GLN E 18 -15.91 4.61 10.52
N LEU E 19 -15.08 4.04 11.39
CA LEU E 19 -13.74 4.57 11.62
C LEU E 19 -12.83 4.48 10.39
N GLN E 20 -12.94 3.39 9.63
CA GLN E 20 -12.14 3.25 8.42
C GLN E 20 -12.58 4.26 7.37
N GLU E 21 -13.88 4.54 7.33
CA GLU E 21 -14.43 5.54 6.43
C GLU E 21 -13.84 6.92 6.74
N ASP E 22 -13.67 7.21 8.02
CA ASP E 22 -13.07 8.49 8.43
C ASP E 22 -11.58 8.59 8.08
N GLU E 23 -10.86 7.48 8.22
CA GLU E 23 -9.43 7.45 7.90
C GLU E 23 -9.23 7.62 6.40
N LEU E 24 -10.11 6.99 5.62
CA LEU E 24 -10.08 7.12 4.18
C LEU E 24 -10.39 8.55 3.78
N ALA E 25 -11.27 9.20 4.55
CA ALA E 25 -11.70 10.55 4.27
C ALA E 25 -10.56 11.55 4.45
N VAL E 26 -9.77 11.37 5.48
CA VAL E 26 -8.60 12.22 5.69
C VAL E 26 -7.61 12.03 4.54
N LEU E 27 -7.42 10.78 4.15
CA LEU E 27 -6.49 10.43 3.07
C LEU E 27 -6.90 11.05 1.73
N LYS E 28 -8.18 10.91 1.38
CA LYS E 28 -8.71 11.49 0.16
C LYS E 28 -8.59 13.00 0.15
N ALA E 29 -8.87 13.62 1.30
CA ALA E 29 -8.83 15.06 1.44
C ALA E 29 -7.42 15.62 1.28
N ALA E 30 -6.45 15.00 1.95
CA ALA E 30 -5.07 15.44 1.85
C ALA E 30 -4.49 15.20 0.45
N LEU E 31 -4.81 14.06 -0.17
CA LEU E 31 -4.34 13.77 -1.53
C LEU E 31 -4.95 14.73 -2.57
N ALA E 32 -6.23 15.08 -2.42
CA ALA E 32 -6.85 16.05 -3.32
C ALA E 32 -6.08 17.37 -3.33
N ASP E 33 -5.64 17.82 -2.16
CA ASP E 33 -4.83 19.04 -2.07
C ASP E 33 -3.43 18.82 -2.64
N ALA E 34 -2.85 17.66 -2.36
CA ALA E 34 -1.53 17.34 -2.90
C ALA E 34 -1.54 17.31 -4.43
N LEU E 35 -2.56 16.68 -5.00
CA LEU E 35 -2.70 16.60 -6.45
C LEU E 35 -2.79 17.98 -7.10
N ARG E 36 -3.60 18.86 -6.51
CA ARG E 36 -3.69 20.24 -6.96
C ARG E 36 -2.34 20.95 -6.94
N ARG E 37 -1.64 20.85 -5.81
CA ARG E 37 -0.35 21.51 -5.66
C ARG E 37 0.66 20.89 -6.61
N LEU E 38 0.54 19.59 -6.84
CA LEU E 38 1.45 18.87 -7.71
C LEU E 38 1.30 19.39 -9.15
N ARG E 39 0.06 19.66 -9.56
CA ARG E 39 -0.21 20.26 -10.86
C ARG E 39 0.54 21.58 -11.02
N ALA E 40 0.35 22.46 -10.03
CA ALA E 40 0.94 23.79 -10.06
C ALA E 40 2.48 23.73 -10.08
N CYS E 41 3.03 22.70 -9.45
CA CYS E 41 4.47 22.49 -9.45
C CYS E 41 4.98 21.99 -10.81
N GLU E 42 4.09 21.38 -11.58
CA GLU E 42 4.50 20.78 -12.85
C GLU E 42 4.59 21.83 -13.96
N GLU E 43 3.59 22.72 -13.99
CA GLU E 43 3.54 23.83 -14.95
C GLU E 43 4.90 24.49 -15.15
N MET F 4 -23.36 -21.37 10.77
CA MET F 4 -24.57 -20.90 10.09
C MET F 4 -24.24 -19.76 9.14
N GLU F 5 -25.06 -19.61 8.10
CA GLU F 5 -24.83 -18.64 7.03
C GLU F 5 -24.50 -17.23 7.52
N VAL F 6 -25.16 -16.79 8.58
CA VAL F 6 -24.91 -15.47 9.15
C VAL F 6 -23.52 -15.37 9.75
N ASP F 7 -23.07 -16.43 10.41
CA ASP F 7 -21.71 -16.47 10.96
C ASP F 7 -20.67 -16.41 9.85
N ASP F 8 -20.86 -17.23 8.82
CA ASP F 8 -19.95 -17.27 7.68
C ASP F 8 -19.83 -15.90 7.02
N ARG F 9 -20.96 -15.22 6.86
CA ARG F 9 -20.98 -13.92 6.21
C ARG F 9 -20.35 -12.84 7.08
N VAL F 10 -20.52 -12.98 8.39
CA VAL F 10 -19.96 -12.03 9.35
C VAL F 10 -18.45 -12.21 9.47
N SER F 11 -18.00 -13.46 9.53
CA SER F 11 -16.58 -13.73 9.62
C SER F 11 -15.89 -13.35 8.31
N ALA F 12 -16.63 -13.41 7.20
CA ALA F 12 -16.09 -12.97 5.92
C ALA F 12 -15.89 -11.46 5.90
N LEU F 13 -16.82 -10.74 6.51
CA LEU F 13 -16.73 -9.29 6.61
C LEU F 13 -15.59 -8.87 7.52
N GLU F 14 -15.40 -9.58 8.62
CA GLU F 14 -14.32 -9.29 9.55
C GLU F 14 -12.99 -9.40 8.83
N GLN F 15 -12.84 -10.44 8.00
CA GLN F 15 -11.60 -10.64 7.25
C GLN F 15 -11.36 -9.55 6.22
N ARG F 16 -12.41 -9.18 5.48
CA ARG F 16 -12.32 -8.09 4.52
C ARG F 16 -11.99 -6.77 5.22
N LEU F 17 -12.48 -6.61 6.44
CA LEU F 17 -12.21 -5.39 7.21
C LEU F 17 -10.76 -5.35 7.68
N GLN F 18 -10.22 -6.53 8.00
CA GLN F 18 -8.81 -6.65 8.37
C GLN F 18 -7.89 -6.28 7.18
N LEU F 19 -8.23 -6.74 5.98
CA LEU F 19 -7.45 -6.38 4.80
C LEU F 19 -7.51 -4.87 4.53
N GLN F 20 -8.69 -4.29 4.71
CA GLN F 20 -8.87 -2.86 4.52
C GLN F 20 -8.03 -2.02 5.47
N GLU F 21 -7.91 -2.46 6.72
CA GLU F 21 -7.16 -1.65 7.67
C GLU F 21 -5.65 -1.77 7.46
N ASP F 22 -5.21 -2.89 6.89
CA ASP F 22 -3.82 -3.02 6.44
C ASP F 22 -3.55 -2.07 5.27
N GLU F 23 -4.49 -2.03 4.34
CA GLU F 23 -4.38 -1.17 3.16
C GLU F 23 -4.28 0.29 3.59
N LEU F 24 -5.13 0.66 4.55
CA LEU F 24 -5.17 2.01 5.07
C LEU F 24 -3.90 2.39 5.83
N ALA F 25 -3.36 1.46 6.60
CA ALA F 25 -2.10 1.68 7.30
C ALA F 25 -0.99 2.01 6.32
N VAL F 26 -0.94 1.24 5.26
CA VAL F 26 0.11 1.41 4.27
C VAL F 26 -0.08 2.70 3.47
N LEU F 27 -1.33 2.96 3.09
CA LEU F 27 -1.68 4.17 2.35
C LEU F 27 -1.40 5.45 3.13
N LYS F 28 -1.75 5.45 4.40
CA LYS F 28 -1.51 6.60 5.26
C LYS F 28 -0.02 6.92 5.30
N ALA F 29 0.79 5.89 5.44
CA ALA F 29 2.25 6.03 5.49
C ALA F 29 2.83 6.52 4.17
N ALA F 30 2.26 6.05 3.06
CA ALA F 30 2.72 6.46 1.73
C ALA F 30 2.33 7.91 1.45
N LEU F 31 1.17 8.30 1.93
CA LEU F 31 0.69 9.67 1.75
C LEU F 31 1.63 10.64 2.47
N ALA F 32 2.01 10.28 3.70
CA ALA F 32 2.97 11.05 4.47
C ALA F 32 4.28 11.26 3.71
N ASP F 33 4.80 10.18 3.13
CA ASP F 33 5.99 10.25 2.28
C ASP F 33 5.77 11.15 1.06
N ALA F 34 4.61 11.02 0.40
CA ALA F 34 4.32 11.85 -0.76
C ALA F 34 4.33 13.35 -0.43
N LEU F 35 3.68 13.71 0.68
CA LEU F 35 3.63 15.10 1.14
C LEU F 35 5.01 15.64 1.52
N ARG F 36 5.86 14.78 2.08
CA ARG F 36 7.24 15.14 2.33
C ARG F 36 7.89 15.58 1.03
N ARG F 37 7.75 14.75 0.02
CA ARG F 37 8.38 15.00 -1.28
C ARG F 37 7.80 16.22 -1.98
N LEU F 38 6.50 16.44 -1.82
CA LEU F 38 5.85 17.59 -2.43
C LEU F 38 6.36 18.90 -1.84
N ARG F 39 6.41 18.96 -0.51
CA ARG F 39 7.00 20.09 0.22
C ARG F 39 8.40 20.38 -0.31
N ALA F 40 9.24 19.36 -0.28
CA ALA F 40 10.62 19.47 -0.77
C ALA F 40 10.64 20.01 -2.18
N CYS F 41 9.75 19.50 -3.04
CA CYS F 41 9.63 20.02 -4.39
C CYS F 41 9.23 21.49 -4.43
N GLU F 42 8.18 21.83 -3.70
CA GLU F 42 7.71 23.21 -3.60
C GLU F 42 8.81 24.14 -3.10
N GLU F 43 9.52 23.73 -2.05
CA GLU F 43 10.64 24.53 -1.51
C GLU F 43 11.72 24.80 -2.56
N GLN F 44 12.10 23.78 -3.34
CA GLN F 44 13.13 23.95 -4.38
C GLN F 44 12.70 25.00 -5.39
N GLY F 45 11.46 24.92 -5.84
CA GLY F 45 10.91 25.89 -6.76
C GLY F 45 11.01 27.30 -6.18
N ALA F 46 10.68 27.43 -4.90
CA ALA F 46 10.74 28.70 -4.20
C ALA F 46 12.16 29.28 -4.24
N ALA F 47 13.16 28.41 -4.13
CA ALA F 47 14.55 28.82 -4.07
C ALA F 47 15.17 29.05 -5.46
N LEU F 48 14.31 29.18 -6.47
CA LEU F 48 14.77 29.45 -7.84
C LEU F 48 14.15 30.73 -8.37
K K G . 8.04 -10.32 3.92
K K H . -9.31 9.65 -4.61
C1 GOL I . -4.64 3.81 9.96
O1 GOL I . -4.88 4.11 8.63
C2 GOL I . -3.70 2.63 9.97
O2 GOL I . -4.66 1.62 9.71
C3 GOL I . -2.98 2.56 11.33
O3 GOL I . -1.58 2.81 11.14
#